data_6QEY
#
_entry.id   6QEY
#
_cell.length_a   41.421
_cell.length_b   32.987
_cell.length_c   58.721
_cell.angle_alpha   90.000
_cell.angle_beta   103.140
_cell.angle_gamma   90.000
#
_symmetry.space_group_name_H-M   'P 1 21 1'
#
loop_
_entity.id
_entity.type
_entity.pdbx_description
1 polymer 'Insulin-like growth factor 2 mRNA-binding protein 1'
2 non-polymer ACETONITRILE
3 non-polymer 'PHOSPHATE ION'
4 water water
#
_entity_poly.entity_id   1
_entity_poly.type   'polypeptide(L)'
_entity_poly.pdbx_seq_one_letter_code
;GAMVDIPLRLLVPTQYVGAIIGKEGATIRNITKQTQSKIDVHRKENAGAAEKAISVHSTPEGCSSACKMILEIMHKEAKD
TKTADEVPLKILAHNNFVGRLIGKEGRNLKKVEQDTETKITISSLQDLTLYNPERTITVKGAIENCCRAEQEIMKKVREA
YENDVAAMSLQSHLIPGLN
;
_entity_poly.pdbx_strand_id   A
#
loop_
_chem_comp.id
_chem_comp.type
_chem_comp.name
_chem_comp.formula
CCN non-polymer ACETONITRILE 'C2 H3 N'
PO4 non-polymer 'PHOSPHATE ION' 'O4 P -3'
#
# COMPACT_ATOMS: atom_id res chain seq x y z
N GLY A 1 17.26 -9.72 2.68
CA GLY A 1 17.35 -9.10 4.02
C GLY A 1 16.34 -9.70 4.97
N ALA A 2 16.22 -9.16 6.17
CA ALA A 2 15.14 -9.51 7.14
C ALA A 2 13.79 -8.87 6.72
N MET A 3 12.71 -9.65 6.77
CA MET A 3 11.35 -9.07 6.70
C MET A 3 11.30 -7.99 7.76
N VAL A 4 10.74 -6.81 7.42
CA VAL A 4 10.55 -5.64 8.34
C VAL A 4 9.16 -5.67 9.00
N ASP A 5 9.05 -4.98 10.14
CA ASP A 5 7.94 -5.02 11.13
C ASP A 5 6.70 -4.32 10.57
N ILE A 6 6.85 -3.32 9.71
CA ILE A 6 5.67 -2.52 9.24
C ILE A 6 5.24 -3.10 7.89
N PRO A 7 4.02 -3.62 7.75
CA PRO A 7 3.65 -4.21 6.48
C PRO A 7 3.21 -3.12 5.52
N LEU A 8 3.17 -3.46 4.24
CA LEU A 8 2.43 -2.68 3.24
C LEU A 8 0.95 -3.03 3.34
N ARG A 9 0.09 -2.03 3.53
CA ARG A 9 -1.36 -2.32 3.66
C ARG A 9 -2.02 -1.58 2.51
N LEU A 10 -2.65 -2.34 1.63
CA LEU A 10 -3.42 -1.77 0.50
C LEU A 10 -4.90 -1.93 0.72
N LEU A 11 -5.67 -1.04 0.12
CA LEU A 11 -7.13 -1.09 0.11
C LEU A 11 -7.52 -1.33 -1.35
N VAL A 12 -8.05 -2.50 -1.66
CA VAL A 12 -8.42 -2.88 -3.04
C VAL A 12 -9.93 -3.07 -3.18
N PRO A 13 -10.49 -2.87 -4.40
CA PRO A 13 -11.89 -3.16 -4.68
C PRO A 13 -12.19 -4.66 -4.47
N THR A 14 -13.27 -4.94 -3.73
CA THR A 14 -13.69 -6.27 -3.27
C THR A 14 -13.84 -7.14 -4.51
N GLN A 15 -14.40 -6.56 -5.57
CA GLN A 15 -14.70 -7.31 -6.82
C GLN A 15 -13.41 -7.87 -7.47
N TYR A 16 -12.20 -7.42 -7.09
CA TYR A 16 -10.95 -7.93 -7.76
C TYR A 16 -10.19 -8.92 -6.88
N VAL A 17 -10.74 -9.20 -5.68
CA VAL A 17 -10.06 -9.97 -4.61
C VAL A 17 -9.97 -11.42 -5.05
N GLY A 18 -11.09 -11.96 -5.54
CA GLY A 18 -11.16 -13.31 -6.12
C GLY A 18 -10.06 -13.50 -7.16
N ALA A 19 -9.86 -12.53 -8.05
CA ALA A 19 -8.74 -12.59 -9.04
C ALA A 19 -7.35 -12.64 -8.35
N ILE A 20 -7.16 -11.94 -7.22
CA ILE A 20 -5.83 -11.84 -6.56
C ILE A 20 -5.50 -13.18 -5.88
N ILE A 21 -6.52 -13.83 -5.29
CA ILE A 21 -6.40 -15.19 -4.67
C ILE A 21 -6.28 -16.22 -5.79
N GLY A 22 -7.20 -16.21 -6.74
CA GLY A 22 -7.13 -17.08 -7.92
C GLY A 22 -7.63 -18.46 -7.53
N LYS A 23 -7.66 -19.37 -8.49
CA LYS A 23 -8.16 -20.75 -8.33
C LYS A 23 -7.36 -21.46 -7.23
N GLU A 24 -8.06 -21.97 -6.21
CA GLU A 24 -7.48 -22.82 -5.14
C GLU A 24 -6.28 -22.02 -4.58
N GLY A 25 -6.39 -20.68 -4.56
CA GLY A 25 -5.40 -19.76 -3.98
C GLY A 25 -4.08 -19.76 -4.71
N ALA A 26 -3.99 -20.19 -5.98
CA ALA A 26 -2.70 -20.39 -6.68
C ALA A 26 -2.11 -19.04 -7.12
N THR A 27 -2.93 -18.00 -7.32
CA THR A 27 -2.37 -16.67 -7.71
C THR A 27 -1.67 -16.04 -6.49
N ILE A 28 -2.33 -16.01 -5.33
CA ILE A 28 -1.75 -15.38 -4.13
C ILE A 28 -0.52 -16.20 -3.69
N ARG A 29 -0.57 -17.52 -3.79
CA ARG A 29 0.55 -18.37 -3.35
C ARG A 29 1.73 -18.09 -4.30
N ASN A 30 1.46 -17.92 -5.59
CA ASN A 30 2.51 -17.54 -6.54
C ASN A 30 3.09 -16.19 -6.12
N ILE A 31 2.28 -15.18 -5.82
CA ILE A 31 2.83 -13.85 -5.46
C ILE A 31 3.74 -14.02 -4.23
N THR A 32 3.24 -14.69 -3.20
CA THR A 32 3.94 -15.06 -1.93
C THR A 32 5.31 -15.71 -2.22
N LYS A 33 5.37 -16.67 -3.14
CA LYS A 33 6.62 -17.40 -3.50
CA LYS A 33 6.63 -17.40 -3.49
C LYS A 33 7.57 -16.52 -4.33
N GLN A 34 7.05 -15.68 -5.24
CA GLN A 34 7.93 -14.85 -6.08
C GLN A 34 8.56 -13.73 -5.23
N THR A 35 7.87 -13.19 -4.23
CA THR A 35 8.29 -11.96 -3.51
C THR A 35 8.76 -12.33 -2.10
N GLN A 36 8.61 -13.59 -1.69
CA GLN A 36 8.95 -14.06 -0.32
C GLN A 36 8.25 -13.13 0.68
N SER A 37 6.91 -13.15 0.64
CA SER A 37 6.05 -12.27 1.47
C SER A 37 4.97 -13.11 2.10
N LYS A 38 4.49 -12.65 3.25
CA LYS A 38 3.27 -13.17 3.90
C LYS A 38 2.19 -12.16 3.54
N ILE A 39 1.13 -12.65 2.91
CA ILE A 39 -0.01 -11.81 2.44
C ILE A 39 -1.30 -12.27 3.14
N ASP A 40 -2.14 -11.33 3.54
CA ASP A 40 -3.46 -11.71 4.08
C ASP A 40 -4.46 -10.66 3.62
N VAL A 41 -5.72 -11.03 3.71
CA VAL A 41 -6.88 -10.24 3.20
C VAL A 41 -7.88 -10.19 4.33
N HIS A 42 -8.40 -9.00 4.58
CA HIS A 42 -9.39 -8.85 5.65
C HIS A 42 -10.26 -7.65 5.42
N ARG A 43 -11.26 -7.51 6.25
CA ARG A 43 -12.19 -6.34 6.18
C ARG A 43 -11.41 -5.11 6.65
N LYS A 44 -11.83 -3.94 6.18
CA LYS A 44 -11.49 -2.62 6.77
C LYS A 44 -12.78 -2.08 7.39
N GLU A 45 -12.74 -1.86 8.72
CA GLU A 45 -13.90 -1.51 9.56
C GLU A 45 -14.69 -0.38 8.88
N ASN A 46 -14.08 0.80 8.78
CA ASN A 46 -14.65 1.98 8.07
C ASN A 46 -14.48 1.77 6.56
N ALA A 49 -17.20 -2.04 2.41
CA ALA A 49 -18.11 -3.00 1.73
C ALA A 49 -17.57 -3.32 0.34
N ALA A 50 -17.35 -2.29 -0.48
CA ALA A 50 -16.83 -2.39 -1.85
C ALA A 50 -15.30 -2.46 -1.82
N GLU A 51 -14.66 -2.33 -0.64
CA GLU A 51 -13.18 -2.40 -0.51
C GLU A 51 -12.71 -3.37 0.57
N LYS A 52 -11.55 -3.98 0.38
CA LYS A 52 -10.96 -4.92 1.34
C LYS A 52 -9.50 -4.53 1.55
N ALA A 53 -8.95 -4.79 2.74
CA ALA A 53 -7.54 -4.51 3.12
C ALA A 53 -6.71 -5.75 2.77
N ILE A 54 -5.54 -5.48 2.23
CA ILE A 54 -4.48 -6.47 1.92
C ILE A 54 -3.24 -6.03 2.68
N SER A 55 -2.66 -6.92 3.48
CA SER A 55 -1.43 -6.73 4.25
C SER A 55 -0.33 -7.56 3.60
N VAL A 56 0.80 -6.94 3.29
CA VAL A 56 2.01 -7.61 2.75
C VAL A 56 3.14 -7.39 3.76
N HIS A 57 3.57 -8.47 4.41
CA HIS A 57 4.73 -8.53 5.32
C HIS A 57 5.86 -9.16 4.54
N SER A 58 6.87 -8.36 4.26
CA SER A 58 8.02 -8.70 3.39
C SER A 58 9.23 -7.84 3.76
N THR A 59 10.30 -7.97 2.98
CA THR A 59 11.34 -6.93 2.86
C THR A 59 10.75 -5.75 2.09
N PRO A 60 11.37 -4.55 2.16
CA PRO A 60 10.94 -3.43 1.32
C PRO A 60 10.78 -3.81 -0.17
N GLU A 61 11.80 -4.45 -0.75
CA GLU A 61 11.78 -4.92 -2.16
C GLU A 61 10.69 -5.98 -2.41
N GLY A 62 10.52 -6.93 -1.49
CA GLY A 62 9.42 -7.93 -1.54
C GLY A 62 8.06 -7.24 -1.54
N CYS A 63 7.83 -6.25 -0.68
CA CYS A 63 6.54 -5.47 -0.63
C CYS A 63 6.30 -4.75 -1.96
N SER A 64 7.26 -4.00 -2.47
CA SER A 64 7.15 -3.25 -3.75
C SER A 64 6.83 -4.19 -4.92
N SER A 65 7.44 -5.37 -4.96
CA SER A 65 7.24 -6.36 -6.04
CA SER A 65 7.24 -6.37 -6.03
C SER A 65 5.84 -6.97 -5.92
N ALA A 66 5.35 -7.14 -4.70
CA ALA A 66 4.01 -7.72 -4.48
C ALA A 66 2.96 -6.67 -4.84
N CYS A 67 3.22 -5.41 -4.51
CA CYS A 67 2.37 -4.27 -4.88
C CYS A 67 2.19 -4.23 -6.43
N LYS A 68 3.28 -4.32 -7.20
CA LYS A 68 3.25 -4.35 -8.69
C LYS A 68 2.46 -5.57 -9.19
N MET A 69 2.71 -6.78 -8.68
CA MET A 69 1.98 -8.00 -9.11
C MET A 69 0.48 -7.84 -8.83
N ILE A 70 0.11 -7.46 -7.60
CA ILE A 70 -1.29 -7.15 -7.24
C ILE A 70 -1.90 -6.09 -8.19
N LEU A 71 -1.26 -4.97 -8.45
CA LEU A 71 -1.78 -3.91 -9.36
C LEU A 71 -2.03 -4.48 -10.75
N GLU A 72 -1.12 -5.30 -11.24
CA GLU A 72 -1.18 -5.88 -12.61
C GLU A 72 -2.37 -6.81 -12.72
N ILE A 73 -2.66 -7.56 -11.66
CA ILE A 73 -3.80 -8.50 -11.64
C ILE A 73 -5.07 -7.66 -11.65
N MET A 74 -5.13 -6.65 -10.80
CA MET A 74 -6.37 -5.81 -10.74
C MET A 74 -6.64 -5.16 -12.08
N HIS A 75 -5.60 -4.65 -12.74
CA HIS A 75 -5.73 -4.01 -14.09
C HIS A 75 -6.17 -5.04 -15.14
N LYS A 76 -5.59 -6.21 -15.09
CA LYS A 76 -5.92 -7.34 -15.98
C LYS A 76 -7.43 -7.61 -15.86
N GLU A 77 -7.90 -7.79 -14.62
CA GLU A 77 -9.28 -8.10 -14.24
C GLU A 77 -10.21 -6.92 -14.57
N ALA A 78 -9.84 -5.66 -14.34
CA ALA A 78 -10.66 -4.48 -14.73
C ALA A 78 -10.83 -4.40 -16.26
N LYS A 79 -9.74 -4.60 -17.02
CA LYS A 79 -9.77 -4.59 -18.52
C LYS A 79 -10.63 -5.77 -19.01
N ASP A 80 -10.34 -6.97 -18.51
CA ASP A 80 -10.94 -8.24 -18.98
C ASP A 80 -12.44 -8.28 -18.67
N THR A 81 -12.94 -7.53 -17.69
CA THR A 81 -14.40 -7.41 -17.44
C THR A 81 -14.92 -6.06 -17.91
N LYS A 82 -14.15 -5.33 -18.73
CA LYS A 82 -14.55 -3.98 -19.21
C LYS A 82 -15.03 -3.09 -18.07
N THR A 83 -14.42 -3.19 -16.88
CA THR A 83 -14.89 -2.47 -15.66
C THR A 83 -14.22 -1.11 -15.56
N ALA A 84 -12.95 -1.03 -15.95
CA ALA A 84 -12.11 0.17 -15.83
C ALA A 84 -10.82 -0.06 -16.61
N ASP A 85 -10.19 1.03 -17.06
CA ASP A 85 -8.89 0.95 -17.75
C ASP A 85 -7.81 1.36 -16.75
N GLU A 86 -8.21 1.90 -15.59
CA GLU A 86 -7.26 2.19 -14.47
C GLU A 86 -7.88 1.78 -13.13
N VAL A 87 -7.01 1.40 -12.21
CA VAL A 87 -7.38 0.98 -10.83
C VAL A 87 -6.38 1.68 -9.91
N PRO A 88 -6.78 2.73 -9.17
CA PRO A 88 -5.83 3.45 -8.33
C PRO A 88 -5.28 2.57 -7.21
N LEU A 89 -4.00 2.73 -6.95
CA LEU A 89 -3.28 2.13 -5.82
C LEU A 89 -3.69 2.87 -4.53
N LYS A 90 -4.24 2.16 -3.56
CA LYS A 90 -4.62 2.77 -2.25
C LYS A 90 -3.81 2.16 -1.13
N ILE A 91 -3.06 3.03 -0.44
CA ILE A 91 -2.12 2.66 0.66
C ILE A 91 -2.70 3.14 2.00
N LEU A 92 -2.68 2.29 3.01
CA LEU A 92 -3.10 2.65 4.37
C LEU A 92 -1.86 2.95 5.19
N ALA A 93 -1.85 4.12 5.83
CA ALA A 93 -0.75 4.59 6.70
C ALA A 93 -1.34 5.24 7.94
N HIS A 94 -0.92 4.75 9.08
CA HIS A 94 -1.15 5.33 10.43
C HIS A 94 -0.96 6.86 10.39
N ASN A 95 -1.94 7.59 10.90
CA ASN A 95 -1.93 9.06 10.94
C ASN A 95 -0.64 9.59 11.59
N ASN A 96 -0.06 8.91 12.55
CA ASN A 96 1.19 9.37 13.22
C ASN A 96 2.31 9.54 12.20
N PHE A 97 2.32 8.76 11.13
CA PHE A 97 3.45 8.82 10.15
C PHE A 97 3.20 9.84 9.00
N VAL A 98 1.99 10.35 8.78
CA VAL A 98 1.72 10.99 7.46
C VAL A 98 2.18 12.47 7.43
N GLY A 99 2.25 13.17 8.55
CA GLY A 99 2.94 14.48 8.69
C GLY A 99 4.28 14.56 7.94
N ARG A 100 5.20 13.62 8.22
CA ARG A 100 6.53 13.44 7.58
C ARG A 100 6.45 13.22 6.07
N LEU A 101 5.57 12.33 5.62
CA LEU A 101 5.32 12.12 4.18
C LEU A 101 4.79 13.39 3.51
N ILE A 102 3.85 14.07 4.15
CA ILE A 102 3.15 15.24 3.56
C ILE A 102 4.15 16.39 3.52
N GLY A 103 4.91 16.61 4.61
CA GLY A 103 5.76 17.80 4.85
C GLY A 103 4.94 19.07 5.02
N LYS A 104 5.57 20.13 5.51
CA LYS A 104 5.04 21.51 5.57
C LYS A 104 4.33 21.92 4.28
N GLU A 105 3.08 22.39 4.41
CA GLU A 105 2.13 22.75 3.32
C GLU A 105 2.19 21.73 2.16
N GLY A 106 2.27 20.42 2.42
CA GLY A 106 2.25 19.35 1.39
C GLY A 106 3.43 19.36 0.42
N ARG A 107 4.54 20.06 0.68
CA ARG A 107 5.67 20.13 -0.30
C ARG A 107 6.36 18.77 -0.50
N ASN A 108 6.42 17.92 0.53
CA ASN A 108 7.14 16.63 0.40
C ASN A 108 6.31 15.73 -0.51
N LEU A 109 4.99 15.84 -0.40
CA LEU A 109 4.07 15.02 -1.22
C LEU A 109 4.11 15.50 -2.69
N LYS A 110 4.15 16.81 -2.98
CA LYS A 110 4.27 17.34 -4.38
C LYS A 110 5.57 16.78 -4.99
N LYS A 111 6.63 16.74 -4.20
CA LYS A 111 7.95 16.23 -4.64
C LYS A 111 7.86 14.75 -5.07
N VAL A 112 7.25 13.89 -4.27
CA VAL A 112 6.97 12.48 -4.69
C VAL A 112 6.13 12.46 -5.98
N GLU A 113 5.03 13.22 -6.06
CA GLU A 113 4.13 13.29 -7.26
C GLU A 113 4.95 13.63 -8.51
N GLN A 114 5.93 14.53 -8.38
CA GLN A 114 6.73 15.06 -9.50
C GLN A 114 7.81 14.05 -9.84
N ASP A 115 8.45 13.42 -8.87
CA ASP A 115 9.57 12.45 -9.08
C ASP A 115 9.05 11.16 -9.71
N THR A 116 7.76 10.82 -9.56
CA THR A 116 7.16 9.52 -9.97
C THR A 116 6.13 9.67 -11.09
N GLU A 117 5.74 10.89 -11.44
CA GLU A 117 4.72 11.11 -12.46
C GLU A 117 3.42 10.42 -12.02
N THR A 118 2.92 10.80 -10.85
CA THR A 118 1.65 10.30 -10.22
C THR A 118 0.83 11.48 -9.70
N LYS A 119 -0.46 11.25 -9.46
CA LYS A 119 -1.29 12.15 -8.65
C LYS A 119 -1.57 11.48 -7.31
N ILE A 120 -1.36 12.20 -6.19
CA ILE A 120 -1.55 11.62 -4.83
C ILE A 120 -2.47 12.51 -4.00
N THR A 121 -3.41 11.84 -3.34
CA THR A 121 -4.44 12.49 -2.50
C THR A 121 -4.54 11.69 -1.19
N ILE A 122 -4.73 12.37 -0.08
CA ILE A 122 -4.79 11.72 1.25
C ILE A 122 -6.16 11.99 1.84
N SER A 123 -6.78 10.95 2.33
CA SER A 123 -8.10 11.00 2.95
C SER A 123 -8.07 12.06 4.04
N SER A 124 -9.22 12.59 4.39
CA SER A 124 -9.36 13.67 5.38
C SER A 124 -9.06 13.10 6.76
N LEU A 125 -8.33 13.87 7.57
CA LEU A 125 -8.10 13.71 9.03
C LEU A 125 -9.43 13.49 9.76
N GLN A 126 -10.44 14.28 9.42
CA GLN A 126 -11.80 14.17 10.01
C GLN A 126 -12.46 12.81 9.72
N ASP A 127 -11.95 11.96 8.82
CA ASP A 127 -12.60 10.65 8.53
C ASP A 127 -11.92 9.54 9.36
N LEU A 128 -10.92 9.83 10.16
CA LEU A 128 -10.41 8.81 11.09
C LEU A 128 -11.50 8.43 12.09
N THR A 129 -11.36 7.25 12.70
CA THR A 129 -12.17 6.78 13.83
C THR A 129 -11.28 6.55 15.05
N LEU A 130 -11.90 6.47 16.22
CA LEU A 130 -11.12 6.29 17.47
C LEU A 130 -10.19 5.07 17.27
N TYR A 131 -10.66 3.96 16.73
CA TYR A 131 -9.82 2.73 16.65
C TYR A 131 -9.32 2.46 15.23
N ASN A 132 -9.55 3.35 14.28
CA ASN A 132 -9.03 3.18 12.91
C ASN A 132 -8.22 4.42 12.59
N PRO A 133 -6.93 4.52 13.03
CA PRO A 133 -6.13 5.72 12.81
C PRO A 133 -5.44 5.76 11.44
N GLU A 134 -5.86 5.00 10.45
CA GLU A 134 -5.14 4.93 9.16
C GLU A 134 -5.79 5.86 8.17
N ARG A 135 -4.94 6.68 7.56
CA ARG A 135 -5.30 7.45 6.35
C ARG A 135 -5.15 6.57 5.13
N THR A 136 -5.93 6.88 4.12
CA THR A 136 -5.81 6.37 2.73
C THR A 136 -5.08 7.38 1.84
N ILE A 137 -3.99 6.94 1.22
CA ILE A 137 -3.20 7.68 0.21
C ILE A 137 -3.55 7.05 -1.14
N THR A 138 -4.28 7.79 -1.97
CA THR A 138 -4.65 7.38 -3.36
C THR A 138 -3.58 7.83 -4.35
N VAL A 139 -3.05 6.88 -5.10
CA VAL A 139 -1.99 7.11 -6.11
C VAL A 139 -2.57 6.75 -7.49
N LYS A 140 -2.61 7.70 -8.40
CA LYS A 140 -3.00 7.50 -9.81
C LYS A 140 -1.83 7.76 -10.76
N GLY A 141 -1.74 6.93 -11.81
CA GLY A 141 -0.73 6.95 -12.89
C GLY A 141 -0.53 5.56 -13.48
N ALA A 142 0.42 5.39 -14.38
CA ALA A 142 0.83 4.05 -14.88
C ALA A 142 1.20 3.18 -13.68
N ILE A 143 1.13 1.87 -13.86
CA ILE A 143 1.43 0.87 -12.81
C ILE A 143 2.85 1.12 -12.29
N GLU A 144 3.84 1.25 -13.17
CA GLU A 144 5.27 1.27 -12.77
C GLU A 144 5.46 2.50 -11.90
N ASN A 145 4.79 3.57 -12.27
CA ASN A 145 4.86 4.88 -11.60
C ASN A 145 4.20 4.77 -10.22
N CYS A 146 2.98 4.25 -10.11
CA CYS A 146 2.33 4.00 -8.79
C CYS A 146 3.28 3.23 -7.86
N CYS A 147 3.99 2.21 -8.38
CA CYS A 147 4.93 1.40 -7.55
C CYS A 147 6.15 2.19 -7.09
N ARG A 148 6.69 3.08 -7.92
CA ARG A 148 7.79 3.98 -7.51
C ARG A 148 7.31 4.84 -6.34
N ALA A 149 6.10 5.38 -6.44
CA ALA A 149 5.46 6.18 -5.37
C ALA A 149 5.24 5.28 -4.13
N GLU A 150 4.76 4.07 -4.28
CA GLU A 150 4.69 3.11 -3.14
C GLU A 150 6.06 2.98 -2.44
N GLN A 151 7.13 2.78 -3.20
CA GLN A 151 8.51 2.64 -2.63
C GLN A 151 8.82 3.91 -1.81
N GLU A 152 8.61 5.10 -2.38
CA GLU A 152 8.91 6.41 -1.71
C GLU A 152 8.06 6.56 -0.43
N ILE A 153 6.74 6.36 -0.50
CA ILE A 153 5.80 6.54 0.65
C ILE A 153 6.23 5.60 1.77
N MET A 154 6.36 4.32 1.44
CA MET A 154 6.66 3.30 2.48
C MET A 154 8.07 3.45 3.06
N LYS A 155 9.06 3.92 2.30
CA LYS A 155 10.38 4.35 2.87
C LYS A 155 10.14 5.38 3.99
N LYS A 156 9.35 6.42 3.72
CA LYS A 156 9.08 7.56 4.65
C LYS A 156 8.30 7.09 5.89
N VAL A 157 7.31 6.27 5.66
CA VAL A 157 6.51 5.68 6.76
C VAL A 157 7.40 4.78 7.62
N ARG A 158 8.26 3.99 7.03
CA ARG A 158 9.07 3.08 7.88
C ARG A 158 10.07 3.92 8.70
N GLU A 159 10.68 4.94 8.09
CA GLU A 159 11.64 5.83 8.79
C GLU A 159 10.95 6.52 9.97
N ALA A 160 9.80 7.15 9.76
CA ALA A 160 8.95 7.79 10.78
C ALA A 160 8.61 6.81 11.90
N TYR A 161 8.38 5.54 11.58
CA TYR A 161 8.07 4.52 12.59
C TYR A 161 9.34 4.26 13.40
N GLU A 162 10.49 4.14 12.73
CA GLU A 162 11.75 3.74 13.43
C GLU A 162 12.21 4.92 14.30
N ASN A 163 11.98 6.15 13.88
CA ASN A 163 12.35 7.39 14.61
C ASN A 163 11.43 7.55 15.85
N ASP A 164 10.13 7.28 15.72
CA ASP A 164 9.15 7.36 16.82
C ASP A 164 9.42 6.29 17.89
N VAL A 165 9.84 5.08 17.54
CA VAL A 165 9.98 4.01 18.58
C VAL A 165 11.43 3.85 19.05
N ALA A 166 12.39 4.64 18.57
CA ALA A 166 13.83 4.43 18.86
C ALA A 166 14.13 4.65 20.35
N ALA A 167 13.62 5.74 20.93
CA ALA A 167 13.75 6.02 22.40
C ALA A 167 13.29 4.81 23.23
N MET A 168 12.10 4.26 22.96
CA MET A 168 11.51 3.25 23.86
C MET A 168 12.19 1.90 23.62
N SER A 169 12.84 1.68 22.47
CA SER A 169 13.61 0.45 22.20
C SER A 169 14.92 0.52 23.00
N LEU A 170 15.60 1.67 23.00
CA LEU A 170 16.86 1.85 23.80
C LEU A 170 16.57 1.62 25.29
N GLN A 171 15.63 2.37 25.89
CA GLN A 171 15.35 2.37 27.35
C GLN A 171 15.16 0.93 27.90
N SER A 172 14.50 0.03 27.15
CA SER A 172 14.29 -1.39 27.56
C SER A 172 15.60 -2.19 27.47
N CCN B . 1.52 0.81 6.93
C1 CCN B . 1.13 1.20 7.95
C2 CCN B . 0.75 1.70 9.25
P PO4 C . 16.83 -9.22 13.20
O1 PO4 C . 18.04 -8.36 12.75
O2 PO4 C . 15.93 -9.48 11.99
O3 PO4 C . 16.04 -8.46 14.28
O4 PO4 C . 17.36 -10.54 13.82
P PO4 D . 7.79 -19.63 -0.07
O1 PO4 D . 8.46 -20.28 -1.32
O2 PO4 D . 8.82 -18.69 0.61
O3 PO4 D . 6.54 -18.83 -0.46
O4 PO4 D . 7.32 -20.67 0.98
#